data_1LII
#
_entry.id   1LII
#
_cell.length_a   167.800
_cell.length_b   47.100
_cell.length_c   44.450
_cell.angle_alpha   90.00
_cell.angle_beta   90.00
_cell.angle_gamma   90.00
#
_symmetry.space_group_name_H-M   'P 21 21 2'
#
loop_
_entity.id
_entity.type
_entity.pdbx_description
1 polymer 'adenosine kinase'
2 non-polymer 'MAGNESIUM ION'
3 non-polymer 'CHLORIDE ION'
4 non-polymer ADENOSINE
5 non-polymer 'PHOSPHOMETHYLPHOSPHONIC ACID ADENYLATE ESTER'
6 water water
#
_entity_poly.entity_id   1
_entity_poly.type   'polypeptide(L)'
_entity_poly.pdbx_seq_one_letter_code
;MAVDSSNSATGPMRVFAIGNPILDLVAEVPSSFLDEFFLKRGDATLATPEQMRIYSTLDQFNPTSLPGGSALNSVRVVQK
LLRKPGSAGYMGAIGDDPRGQVLKELCDKEGLATRFMVAPGQSTGTCAVLINEKERTLCTHLGACGSFRIPENWTTFASG
ALIFYATAYTLTATPKNALEVAGYAHGIPNAIFTLNLSAPFCVELYKDAMQSLLLHTNILFGNEEEFAHLAKVHNLVAAE
KVALSVANKEHAVEVCTGALRLLTAGQNTGATKLVVMTRGHNPVIAAEQTADGTVVVHEVGVPVVAAEKIVDTNGAGDAF
VGGFLYGLSQGKTVKQCIMCGNACAQDVIQHVGFSLSFTSLPC
;
_entity_poly.pdbx_strand_id   A
#
loop_
_chem_comp.id
_chem_comp.type
_chem_comp.name
_chem_comp.formula
ACP non-polymer 'PHOSPHOMETHYLPHOSPHONIC ACID ADENYLATE ESTER' 'C11 H18 N5 O12 P3'
ADN non-polymer ADENOSINE 'C10 H13 N5 O4'
CL non-polymer 'CHLORIDE ION' 'Cl -1'
MG non-polymer 'MAGNESIUM ION' 'Mg 2'
#
# COMPACT_ATOMS: atom_id res chain seq x y z
N GLY A 11 -18.90 -12.78 6.18
CA GLY A 11 -18.63 -13.68 5.04
C GLY A 11 -17.15 -14.06 4.95
N PRO A 12 -16.88 -15.17 4.26
CA PRO A 12 -15.51 -15.63 4.11
C PRO A 12 -14.59 -14.50 3.70
N MET A 13 -14.63 -14.11 2.41
CA MET A 13 -13.75 -13.05 1.95
C MET A 13 -14.25 -11.70 2.46
N ARG A 14 -13.42 -11.07 3.28
CA ARG A 14 -13.73 -9.79 3.85
C ARG A 14 -13.07 -8.63 3.11
N VAL A 15 -11.85 -8.81 2.66
CA VAL A 15 -11.17 -7.73 1.95
C VAL A 15 -10.54 -8.28 0.67
N PHE A 16 -10.71 -7.56 -0.43
CA PHE A 16 -10.14 -7.97 -1.71
C PHE A 16 -9.23 -6.85 -2.22
N ALA A 17 -8.01 -7.23 -2.67
CA ALA A 17 -7.07 -6.22 -3.15
C ALA A 17 -6.34 -6.66 -4.41
N ILE A 18 -5.84 -5.69 -5.13
CA ILE A 18 -5.07 -5.90 -6.35
C ILE A 18 -3.74 -5.23 -6.01
N GLY A 19 -2.61 -5.69 -6.57
CA GLY A 19 -1.37 -5.05 -6.24
C GLY A 19 -0.26 -5.61 -7.12
N ASN A 20 0.96 -5.22 -6.84
CA ASN A 20 2.13 -5.68 -7.57
C ASN A 20 2.89 -6.59 -6.62
N PRO A 21 2.92 -7.90 -6.88
CA PRO A 21 3.64 -8.79 -5.96
C PRO A 21 5.13 -8.70 -6.26
N ILE A 22 5.91 -8.36 -5.26
CA ILE A 22 7.32 -8.23 -5.50
C ILE A 22 8.15 -8.78 -4.38
N LEU A 23 9.38 -9.09 -4.73
CA LEU A 23 10.32 -9.63 -3.77
C LEU A 23 11.22 -8.50 -3.28
N ASP A 24 11.40 -8.36 -1.98
CA ASP A 24 12.25 -7.30 -1.47
C ASP A 24 13.65 -7.84 -1.12
N LEU A 25 14.67 -7.08 -1.50
CA LEU A 25 16.08 -7.39 -1.24
C LEU A 25 16.47 -6.26 -0.31
N VAL A 26 16.67 -6.55 0.98
CA VAL A 26 17.01 -5.53 1.95
C VAL A 26 18.47 -5.53 2.34
N ALA A 27 19.02 -4.33 2.41
CA ALA A 27 20.40 -4.21 2.77
C ALA A 27 20.72 -2.85 3.32
N GLU A 28 21.64 -2.84 4.26
CA GLU A 28 22.07 -1.63 4.88
C GLU A 28 23.24 -1.17 4.00
N VAL A 29 23.16 0.02 3.43
CA VAL A 29 24.25 0.47 2.57
C VAL A 29 24.74 1.84 2.98
N PRO A 30 25.93 2.17 2.58
CA PRO A 30 26.47 3.47 2.91
C PRO A 30 25.86 4.55 2.02
N SER A 31 25.93 5.81 2.45
CA SER A 31 25.38 6.92 1.68
C SER A 31 26.05 6.99 0.31
N SER A 32 27.29 6.53 0.23
CA SER A 32 27.98 6.58 -1.06
C SER A 32 27.24 5.78 -2.10
N PHE A 33 26.62 4.67 -1.66
CA PHE A 33 25.88 3.81 -2.57
C PHE A 33 24.68 4.53 -3.13
N LEU A 34 24.05 5.32 -2.28
CA LEU A 34 22.87 6.09 -2.71
C LEU A 34 23.26 7.09 -3.79
N ASP A 35 24.40 7.72 -3.57
CA ASP A 35 24.93 8.71 -4.49
C ASP A 35 25.26 8.07 -5.83
N GLU A 36 25.97 6.96 -5.82
CA GLU A 36 26.33 6.31 -7.08
C GLU A 36 25.13 5.87 -7.87
N PHE A 37 24.06 5.54 -7.17
CA PHE A 37 22.84 5.08 -7.82
C PHE A 37 21.80 6.18 -8.09
N PHE A 38 22.16 7.41 -7.77
CA PHE A 38 21.28 8.55 -7.99
C PHE A 38 19.95 8.42 -7.26
N LEU A 39 20.02 8.02 -6.02
CA LEU A 39 18.81 7.87 -5.24
C LEU A 39 18.72 8.90 -4.14
N LYS A 40 17.51 9.31 -3.84
CA LYS A 40 17.29 10.29 -2.81
C LYS A 40 16.82 9.53 -1.58
N ARG A 41 17.51 9.69 -0.47
CA ARG A 41 17.17 8.99 0.74
C ARG A 41 15.71 9.18 1.10
N GLY A 42 15.06 8.06 1.42
CA GLY A 42 13.66 8.03 1.80
C GLY A 42 12.69 8.02 0.65
N ASP A 43 13.17 8.16 -0.58
CA ASP A 43 12.26 8.16 -1.72
C ASP A 43 11.88 6.76 -2.20
N ALA A 44 10.89 6.70 -3.08
CA ALA A 44 10.40 5.47 -3.66
C ALA A 44 10.31 5.73 -5.15
N THR A 45 11.00 4.94 -5.98
CA THR A 45 10.93 5.18 -7.42
C THR A 45 11.03 3.88 -8.20
N LEU A 46 10.88 3.97 -9.52
CA LEU A 46 10.98 2.80 -10.38
C LEU A 46 12.38 2.91 -11.00
N ALA A 47 13.12 1.82 -11.07
CA ALA A 47 14.47 1.83 -11.61
C ALA A 47 14.63 2.28 -13.05
N THR A 48 15.56 3.21 -13.28
CA THR A 48 15.84 3.70 -14.64
C THR A 48 16.93 2.77 -15.17
N PRO A 49 17.22 2.80 -16.45
CA PRO A 49 18.24 1.92 -17.02
C PRO A 49 19.56 1.91 -16.28
N GLU A 50 20.03 3.06 -15.86
CA GLU A 50 21.29 3.13 -15.13
C GLU A 50 21.23 2.47 -13.76
N GLN A 51 20.06 2.47 -13.15
CA GLN A 51 19.95 1.86 -11.83
C GLN A 51 19.74 0.34 -11.87
N MET A 52 19.53 -0.20 -13.05
CA MET A 52 19.33 -1.64 -13.16
C MET A 52 20.48 -2.39 -12.53
N ARG A 53 21.67 -1.83 -12.57
CA ARG A 53 22.85 -2.49 -12.00
C ARG A 53 22.80 -2.60 -10.47
N ILE A 54 21.81 -1.96 -9.84
CA ILE A 54 21.76 -2.05 -8.41
C ILE A 54 21.46 -3.47 -7.90
N TYR A 55 20.64 -4.21 -8.64
CA TYR A 55 20.27 -5.55 -8.25
C TYR A 55 21.43 -6.52 -8.05
N SER A 56 22.33 -6.59 -9.01
CA SER A 56 23.46 -7.50 -8.86
C SER A 56 24.49 -7.00 -7.86
N THR A 57 24.69 -5.70 -7.82
CA THR A 57 25.66 -5.12 -6.93
C THR A 57 25.33 -5.22 -5.45
N LEU A 58 24.08 -5.48 -5.09
CA LEU A 58 23.72 -5.57 -3.67
C LEU A 58 24.34 -6.76 -2.95
N ASP A 59 24.70 -7.80 -3.70
CA ASP A 59 25.30 -8.99 -3.09
C ASP A 59 26.51 -8.65 -2.25
N GLN A 60 27.22 -7.58 -2.58
CA GLN A 60 28.39 -7.26 -1.77
C GLN A 60 28.01 -6.78 -0.39
N PHE A 61 26.72 -6.56 -0.16
CA PHE A 61 26.30 -6.10 1.16
C PHE A 61 25.57 -7.17 1.96
N ASN A 62 25.60 -8.41 1.49
CA ASN A 62 24.94 -9.52 2.18
C ASN A 62 23.48 -9.18 2.50
N PRO A 63 22.71 -8.90 1.49
CA PRO A 63 21.31 -8.57 1.72
C PRO A 63 20.49 -9.78 2.12
N THR A 64 19.30 -9.47 2.57
CA THR A 64 18.35 -10.50 3.00
C THR A 64 17.18 -10.40 2.06
N SER A 65 16.46 -11.48 1.80
CA SER A 65 15.32 -11.34 0.88
C SER A 65 14.04 -11.76 1.55
N LEU A 66 12.96 -11.05 1.25
CA LEU A 66 11.67 -11.37 1.84
C LEU A 66 10.55 -10.87 0.96
N PRO A 67 9.38 -11.46 1.07
CA PRO A 67 8.28 -10.99 0.23
C PRO A 67 7.97 -9.53 0.52
N GLY A 68 7.52 -8.83 -0.52
CA GLY A 68 7.16 -7.42 -0.41
C GLY A 68 5.92 -7.14 -1.25
N GLY A 69 5.78 -5.90 -1.72
CA GLY A 69 4.61 -5.53 -2.51
C GLY A 69 3.71 -4.79 -1.51
N SER A 70 3.45 -3.51 -1.73
CA SER A 70 2.63 -2.73 -0.79
C SER A 70 1.26 -3.32 -0.42
N ALA A 71 0.41 -3.55 -1.41
CA ALA A 71 -0.92 -4.09 -1.13
C ALA A 71 -0.82 -5.53 -0.56
N LEU A 72 0.16 -6.32 -1.03
CA LEU A 72 0.33 -7.68 -0.53
C LEU A 72 0.66 -7.62 0.94
N ASN A 73 1.58 -6.73 1.32
CA ASN A 73 1.92 -6.62 2.71
C ASN A 73 0.65 -6.32 3.53
N SER A 74 -0.14 -5.36 3.08
CA SER A 74 -1.37 -4.99 3.79
C SER A 74 -2.36 -6.14 3.96
N VAL A 75 -2.71 -6.80 2.85
CA VAL A 75 -3.65 -7.91 2.91
C VAL A 75 -3.13 -9.06 3.73
N ARG A 76 -1.83 -9.19 3.82
CA ARG A 76 -1.29 -10.30 4.60
C ARG A 76 -1.54 -10.06 6.11
N VAL A 77 -1.64 -8.80 6.51
CA VAL A 77 -1.90 -8.45 7.91
C VAL A 77 -3.37 -8.78 8.19
N VAL A 78 -4.24 -8.39 7.26
CA VAL A 78 -5.66 -8.68 7.44
C VAL A 78 -5.88 -10.20 7.53
N GLN A 79 -5.25 -10.97 6.64
CA GLN A 79 -5.42 -12.43 6.66
C GLN A 79 -4.91 -13.05 7.96
N LYS A 80 -3.76 -12.56 8.44
CA LYS A 80 -3.17 -13.07 9.66
C LYS A 80 -4.08 -12.81 10.87
N LEU A 81 -4.71 -11.63 10.90
CA LEU A 81 -5.61 -11.30 12.03
C LEU A 81 -6.98 -11.97 11.93
N LEU A 82 -7.48 -12.18 10.70
CA LEU A 82 -8.77 -12.84 10.51
C LEU A 82 -8.64 -14.37 10.59
N ARG A 83 -7.45 -14.89 10.28
CA ARG A 83 -7.10 -16.33 10.33
C ARG A 83 -7.80 -17.29 9.36
N LYS A 84 -9.12 -17.25 9.26
CA LYS A 84 -9.82 -18.18 8.36
C LYS A 84 -9.31 -18.12 6.94
N PRO A 85 -9.18 -19.26 6.31
CA PRO A 85 -8.70 -19.28 4.93
C PRO A 85 -9.52 -18.42 4.02
N GLY A 86 -8.84 -17.70 3.14
CA GLY A 86 -9.57 -16.86 2.19
C GLY A 86 -10.20 -15.63 2.81
N SER A 87 -9.81 -15.27 4.04
CA SER A 87 -10.37 -14.07 4.68
C SER A 87 -10.02 -12.82 3.87
N ALA A 88 -8.85 -12.88 3.21
CA ALA A 88 -8.38 -11.80 2.35
C ALA A 88 -8.06 -12.42 0.99
N GLY A 89 -8.38 -11.69 -0.07
CA GLY A 89 -8.15 -12.14 -1.43
C GLY A 89 -7.21 -11.18 -2.15
N TYR A 90 -6.44 -11.69 -3.11
CA TYR A 90 -5.49 -10.80 -3.80
C TYR A 90 -5.18 -11.29 -5.20
N MET A 91 -5.05 -10.34 -6.12
CA MET A 91 -4.73 -10.63 -7.52
C MET A 91 -3.57 -9.77 -7.97
N GLY A 92 -2.66 -10.34 -8.76
CA GLY A 92 -1.52 -9.57 -9.24
C GLY A 92 -0.82 -10.43 -10.26
N ALA A 93 0.28 -9.95 -10.84
CA ALA A 93 0.96 -10.80 -11.82
C ALA A 93 2.38 -11.10 -11.39
N ILE A 94 2.79 -12.36 -11.50
CA ILE A 94 4.15 -12.77 -11.12
C ILE A 94 4.83 -13.31 -12.41
N GLY A 95 6.15 -13.46 -12.41
CA GLY A 95 6.81 -13.97 -13.61
C GLY A 95 6.83 -15.52 -13.52
N ASP A 96 7.25 -16.20 -14.57
CA ASP A 96 7.29 -17.65 -14.51
C ASP A 96 8.65 -18.06 -14.00
N ASP A 97 8.96 -17.69 -12.76
CA ASP A 97 10.28 -18.05 -12.25
C ASP A 97 10.27 -18.49 -10.80
N PRO A 98 11.41 -18.95 -10.36
CA PRO A 98 11.54 -19.41 -8.99
C PRO A 98 11.13 -18.32 -8.01
N ARG A 99 11.36 -17.08 -8.38
CA ARG A 99 11.00 -16.01 -7.47
C ARG A 99 9.47 -15.93 -7.32
N GLY A 100 8.78 -16.07 -8.42
CA GLY A 100 7.33 -16.03 -8.39
C GLY A 100 6.81 -17.20 -7.57
N GLN A 101 7.47 -18.35 -7.70
CA GLN A 101 7.04 -19.52 -6.93
C GLN A 101 7.17 -19.28 -5.44
N VAL A 102 8.19 -18.57 -5.00
CA VAL A 102 8.35 -18.32 -3.57
C VAL A 102 7.22 -17.46 -3.02
N LEU A 103 6.82 -16.46 -3.79
CA LEU A 103 5.74 -15.59 -3.35
C LEU A 103 4.44 -16.38 -3.29
N LYS A 104 4.19 -17.17 -4.31
CA LYS A 104 2.98 -17.98 -4.37
C LYS A 104 2.90 -18.96 -3.20
N GLU A 105 3.98 -19.69 -2.97
CA GLU A 105 4.02 -20.66 -1.87
C GLU A 105 3.75 -19.98 -0.55
N LEU A 106 4.31 -18.79 -0.39
CA LEU A 106 4.11 -18.06 0.85
C LEU A 106 2.63 -17.66 1.04
N CYS A 107 1.95 -17.23 -0.02
CA CYS A 107 0.55 -16.85 0.14
C CYS A 107 -0.29 -18.07 0.50
N ASP A 108 -0.02 -19.20 -0.16
CA ASP A 108 -0.76 -20.43 0.13
C ASP A 108 -0.58 -20.83 1.59
N LYS A 109 0.65 -20.81 2.07
CA LYS A 109 0.91 -21.18 3.45
C LYS A 109 0.29 -20.23 4.45
N GLU A 110 -0.03 -19.01 4.05
CA GLU A 110 -0.62 -18.05 4.96
C GLU A 110 -2.13 -18.09 4.93
N GLY A 111 -2.69 -18.85 3.98
CA GLY A 111 -4.13 -18.97 3.88
C GLY A 111 -4.79 -17.89 3.05
N LEU A 112 -4.02 -17.06 2.38
CA LEU A 112 -4.67 -16.04 1.58
C LEU A 112 -5.27 -16.64 0.32
N ALA A 113 -6.35 -16.08 -0.16
CA ALA A 113 -6.95 -16.57 -1.39
C ALA A 113 -6.29 -15.75 -2.49
N THR A 114 -5.74 -16.40 -3.50
CA THR A 114 -5.09 -15.65 -4.57
C THR A 114 -5.36 -16.27 -5.92
N ARG A 115 -5.24 -15.44 -6.93
CA ARG A 115 -5.42 -15.83 -8.30
C ARG A 115 -4.30 -15.08 -9.01
N PHE A 116 -3.10 -15.62 -8.99
CA PHE A 116 -2.02 -14.91 -9.67
C PHE A 116 -2.00 -15.19 -11.15
N MET A 117 -1.70 -14.14 -11.90
CA MET A 117 -1.61 -14.24 -13.34
C MET A 117 -0.11 -14.48 -13.56
N VAL A 118 0.27 -15.38 -14.44
CA VAL A 118 1.68 -15.59 -14.64
C VAL A 118 2.06 -15.01 -15.98
N ALA A 119 3.10 -14.19 -15.97
CA ALA A 119 3.55 -13.60 -17.22
C ALA A 119 4.78 -14.36 -17.71
N PRO A 120 4.59 -15.23 -18.68
CA PRO A 120 5.70 -16.00 -19.20
C PRO A 120 6.69 -15.06 -19.91
N GLY A 121 7.95 -15.38 -19.84
CA GLY A 121 8.93 -14.53 -20.50
C GLY A 121 9.28 -13.32 -19.68
N GLN A 122 8.68 -13.13 -18.50
CA GLN A 122 9.03 -11.94 -17.71
C GLN A 122 9.38 -12.34 -16.30
N SER A 123 10.18 -11.55 -15.62
CA SER A 123 10.58 -11.88 -14.26
C SER A 123 9.72 -11.25 -13.17
N THR A 124 9.67 -11.90 -12.02
CA THR A 124 8.90 -11.37 -10.91
C THR A 124 9.51 -10.07 -10.47
N GLY A 125 8.68 -9.09 -10.16
CA GLY A 125 9.20 -7.78 -9.73
C GLY A 125 10.11 -7.89 -8.51
N THR A 126 10.98 -6.92 -8.37
CA THR A 126 11.90 -6.92 -7.24
C THR A 126 12.10 -5.47 -6.81
N CYS A 127 12.29 -5.29 -5.53
CA CYS A 127 12.50 -3.95 -5.01
C CYS A 127 13.71 -3.95 -4.12
N ALA A 128 14.60 -3.01 -4.36
CA ALA A 128 15.76 -2.97 -3.51
C ALA A 128 15.38 -2.03 -2.38
N VAL A 129 15.45 -2.49 -1.16
CA VAL A 129 15.11 -1.68 -0.01
C VAL A 129 16.42 -1.33 0.62
N LEU A 130 16.86 -0.10 0.41
CA LEU A 130 18.14 0.35 0.94
C LEU A 130 17.97 1.10 2.24
N ILE A 131 18.58 0.58 3.27
CA ILE A 131 18.49 1.19 4.58
C ILE A 131 19.74 2.00 4.85
N ASN A 132 19.56 3.24 5.21
CA ASN A 132 20.68 4.11 5.48
C ASN A 132 20.24 5.07 6.55
N GLU A 133 21.05 5.16 7.59
CA GLU A 133 20.67 5.99 8.70
C GLU A 133 19.47 5.26 9.24
N LYS A 134 18.34 5.90 9.28
CA LYS A 134 17.25 5.13 9.78
C LYS A 134 16.26 4.87 8.64
N GLU A 135 16.41 5.63 7.58
CA GLU A 135 15.45 5.66 6.50
C GLU A 135 15.62 4.57 5.49
N ARG A 136 14.50 4.30 4.84
CA ARG A 136 14.47 3.28 3.81
C ARG A 136 14.26 3.98 2.47
N THR A 137 14.97 3.53 1.44
CA THR A 137 14.83 4.10 0.10
C THR A 137 14.41 2.91 -0.75
N LEU A 138 13.41 3.09 -1.60
CA LEU A 138 12.94 1.98 -2.42
C LEU A 138 13.19 2.19 -3.90
N CYS A 139 13.78 1.21 -4.56
CA CYS A 139 14.05 1.30 -6.01
C CYS A 139 13.51 -0.01 -6.60
N THR A 140 12.43 0.09 -7.37
CA THR A 140 11.82 -1.10 -7.92
C THR A 140 11.80 -1.33 -9.41
N HIS A 141 11.84 -2.60 -9.75
CA HIS A 141 11.80 -3.05 -11.11
C HIS A 141 10.54 -3.92 -11.16
N LEU A 142 9.49 -3.42 -11.75
CA LEU A 142 8.20 -4.10 -11.84
C LEU A 142 8.17 -5.45 -12.57
N GLY A 143 8.89 -5.57 -13.65
CA GLY A 143 8.89 -6.82 -14.39
C GLY A 143 7.46 -7.26 -14.75
N ALA A 144 7.14 -8.52 -14.46
CA ALA A 144 5.83 -9.07 -14.76
C ALA A 144 4.65 -8.28 -14.19
N CYS A 145 4.83 -7.56 -13.08
CA CYS A 145 3.69 -6.80 -12.51
C CYS A 145 3.03 -5.87 -13.52
N GLY A 146 3.82 -5.36 -14.45
CA GLY A 146 3.26 -4.44 -15.43
C GLY A 146 2.28 -5.08 -16.42
N SER A 147 2.20 -6.42 -16.50
CA SER A 147 1.29 -7.06 -17.45
C SER A 147 -0.02 -7.45 -16.82
N PHE A 148 -0.17 -7.16 -15.56
CA PHE A 148 -1.40 -7.53 -14.89
C PHE A 148 -2.68 -6.96 -15.51
N ARG A 149 -3.67 -7.82 -15.74
CA ARG A 149 -4.96 -7.44 -16.29
C ARG A 149 -5.99 -8.19 -15.44
N ILE A 150 -7.03 -7.52 -14.90
CA ILE A 150 -7.98 -8.29 -14.06
C ILE A 150 -8.77 -9.25 -14.93
N PRO A 151 -8.94 -10.50 -14.48
CA PRO A 151 -9.70 -11.47 -15.26
C PRO A 151 -11.17 -11.10 -15.23
N GLU A 152 -11.90 -11.50 -16.26
CA GLU A 152 -13.32 -11.20 -16.37
C GLU A 152 -14.17 -11.68 -15.20
N ASN A 153 -13.80 -12.78 -14.58
CA ASN A 153 -14.59 -13.28 -13.46
C ASN A 153 -14.02 -12.89 -12.08
N TRP A 154 -13.26 -11.81 -12.01
CA TRP A 154 -12.72 -11.44 -10.71
C TRP A 154 -13.84 -11.19 -9.69
N THR A 155 -15.00 -10.71 -10.14
CA THR A 155 -16.12 -10.46 -9.22
C THR A 155 -16.54 -11.76 -8.53
N THR A 156 -16.44 -12.88 -9.24
CA THR A 156 -16.81 -14.15 -8.63
C THR A 156 -15.80 -14.57 -7.57
N PHE A 157 -14.53 -14.40 -7.85
CA PHE A 157 -13.53 -14.79 -6.87
C PHE A 157 -13.65 -13.95 -5.60
N ALA A 158 -14.00 -12.69 -5.76
CA ALA A 158 -14.14 -11.77 -4.62
C ALA A 158 -15.57 -11.68 -4.06
N SER A 159 -16.46 -12.51 -4.57
CA SER A 159 -17.86 -12.49 -4.10
C SER A 159 -17.94 -12.55 -2.57
N GLY A 160 -18.71 -11.64 -2.01
CA GLY A 160 -18.87 -11.60 -0.56
C GLY A 160 -18.03 -10.51 0.11
N ALA A 161 -16.97 -10.07 -0.55
CA ALA A 161 -16.14 -9.03 0.06
C ALA A 161 -16.83 -7.67 0.04
N LEU A 162 -16.67 -6.91 1.11
CA LEU A 162 -17.30 -5.61 1.18
C LEU A 162 -16.26 -4.49 1.19
N ILE A 163 -15.01 -4.86 1.34
CA ILE A 163 -13.95 -3.87 1.35
C ILE A 163 -13.00 -4.18 0.20
N PHE A 164 -12.85 -3.23 -0.73
CA PHE A 164 -11.98 -3.36 -1.91
C PHE A 164 -10.81 -2.41 -1.77
N TYR A 165 -9.59 -2.88 -2.00
CA TYR A 165 -8.45 -1.98 -1.84
C TYR A 165 -7.50 -2.03 -3.04
N ALA A 166 -6.94 -0.87 -3.38
CA ALA A 166 -6.00 -0.79 -4.49
C ALA A 166 -4.96 0.24 -4.12
N THR A 167 -3.74 0.07 -4.59
CA THR A 167 -2.70 1.04 -4.29
C THR A 167 -2.49 1.82 -5.59
N ALA A 168 -2.04 3.07 -5.48
CA ALA A 168 -1.83 3.86 -6.70
C ALA A 168 -0.67 3.23 -7.49
N TYR A 169 0.17 2.43 -6.83
CA TYR A 169 1.28 1.78 -7.53
C TYR A 169 0.75 0.88 -8.64
N THR A 170 -0.51 0.44 -8.57
CA THR A 170 -1.05 -0.44 -9.62
C THR A 170 -1.36 0.33 -10.92
N LEU A 171 -1.35 1.65 -10.86
CA LEU A 171 -1.64 2.46 -12.02
C LEU A 171 -0.57 2.36 -13.09
N THR A 172 0.64 1.99 -12.71
CA THR A 172 1.71 1.88 -13.69
C THR A 172 1.40 0.83 -14.76
N ALA A 173 0.83 -0.30 -14.36
CA ALA A 173 0.51 -1.34 -15.33
C ALA A 173 -0.58 -0.80 -16.22
N THR A 174 -1.62 -0.26 -15.58
CA THR A 174 -2.76 0.32 -16.27
C THR A 174 -3.77 0.78 -15.23
N PRO A 175 -4.36 1.93 -15.45
CA PRO A 175 -5.35 2.43 -14.51
C PRO A 175 -6.67 1.69 -14.64
N LYS A 176 -6.85 0.94 -15.73
CA LYS A 176 -8.11 0.22 -15.88
C LYS A 176 -8.39 -0.73 -14.72
N ASN A 177 -7.37 -1.42 -14.23
CA ASN A 177 -7.61 -2.35 -13.14
C ASN A 177 -8.27 -1.72 -11.94
N ALA A 178 -7.64 -0.69 -11.41
CA ALA A 178 -8.23 -0.04 -10.24
C ALA A 178 -9.59 0.58 -10.59
N LEU A 179 -9.74 1.11 -11.81
CA LEU A 179 -11.02 1.71 -12.18
C LEU A 179 -12.12 0.65 -12.18
N GLU A 180 -11.78 -0.55 -12.63
CA GLU A 180 -12.82 -1.56 -12.65
C GLU A 180 -13.21 -1.96 -11.26
N VAL A 181 -12.22 -2.02 -10.37
CA VAL A 181 -12.54 -2.41 -9.00
C VAL A 181 -13.43 -1.36 -8.34
N ALA A 182 -13.07 -0.11 -8.50
CA ALA A 182 -13.85 0.96 -7.90
C ALA A 182 -15.26 0.99 -8.48
N GLY A 183 -15.35 0.77 -9.78
CA GLY A 183 -16.64 0.77 -10.44
C GLY A 183 -17.52 -0.28 -9.81
N TYR A 184 -17.00 -1.48 -9.68
CA TYR A 184 -17.80 -2.54 -9.11
C TYR A 184 -18.27 -2.22 -7.70
N ALA A 185 -17.34 -1.84 -6.83
CA ALA A 185 -17.66 -1.51 -5.44
C ALA A 185 -18.76 -0.46 -5.35
N HIS A 186 -18.64 0.55 -6.19
CA HIS A 186 -19.62 1.63 -6.20
C HIS A 186 -21.08 1.13 -6.35
N GLY A 187 -21.30 0.20 -7.24
CA GLY A 187 -22.64 -0.31 -7.45
C GLY A 187 -23.10 -1.27 -6.37
N ILE A 188 -22.24 -1.55 -5.40
CA ILE A 188 -22.67 -2.48 -4.37
C ILE A 188 -22.92 -1.74 -3.06
N PRO A 189 -24.14 -1.81 -2.57
CA PRO A 189 -24.49 -1.14 -1.34
C PRO A 189 -23.80 -1.84 -0.16
N ASN A 190 -23.24 -1.05 0.73
CA ASN A 190 -22.54 -1.55 1.91
C ASN A 190 -21.09 -1.90 1.60
N ALA A 191 -20.67 -1.65 0.37
CA ALA A 191 -19.29 -1.93 -0.05
C ALA A 191 -18.51 -0.63 -0.15
N ILE A 192 -17.22 -0.65 0.16
CA ILE A 192 -16.45 0.58 0.05
C ILE A 192 -15.17 0.33 -0.74
N PHE A 193 -14.71 1.36 -1.42
CA PHE A 193 -13.50 1.29 -2.20
C PHE A 193 -12.46 2.12 -1.45
N THR A 194 -11.29 1.55 -1.21
CA THR A 194 -10.23 2.27 -0.49
C THR A 194 -9.00 2.35 -1.39
N LEU A 195 -8.30 3.47 -1.32
CA LEU A 195 -7.12 3.69 -2.14
C LEU A 195 -5.97 4.28 -1.36
N ASN A 196 -4.75 3.90 -1.74
CA ASN A 196 -3.54 4.40 -1.10
C ASN A 196 -2.82 5.26 -2.15
N LEU A 197 -2.34 6.44 -1.77
CA LEU A 197 -1.63 7.32 -2.71
C LEU A 197 -0.27 6.70 -3.10
N SER A 198 0.20 5.76 -2.28
CA SER A 198 1.44 5.00 -2.49
C SER A 198 2.77 5.75 -2.51
N ALA A 199 2.92 6.74 -3.37
CA ALA A 199 4.19 7.49 -3.43
C ALA A 199 3.97 8.77 -4.25
N PRO A 200 4.83 9.76 -4.02
CA PRO A 200 4.70 11.02 -4.75
C PRO A 200 4.67 10.81 -6.24
N PHE A 201 5.54 9.93 -6.75
CA PHE A 201 5.55 9.69 -8.19
C PHE A 201 4.19 9.31 -8.76
N CYS A 202 3.41 8.52 -8.02
CA CYS A 202 2.12 8.13 -8.54
C CYS A 202 1.17 9.32 -8.60
N VAL A 203 1.26 10.19 -7.60
CA VAL A 203 0.40 11.38 -7.55
C VAL A 203 0.66 12.29 -8.74
N GLU A 204 1.93 12.48 -9.02
CA GLU A 204 2.33 13.33 -10.12
C GLU A 204 2.14 12.72 -11.53
N LEU A 205 2.39 11.42 -11.68
CA LEU A 205 2.24 10.82 -13.01
C LEU A 205 0.83 10.40 -13.42
N TYR A 206 -0.01 9.99 -12.48
CA TYR A 206 -1.35 9.56 -12.88
C TYR A 206 -2.47 10.50 -12.48
N LYS A 207 -2.25 11.81 -12.61
CA LYS A 207 -3.23 12.83 -12.25
C LYS A 207 -4.62 12.61 -12.80
N ASP A 208 -4.73 12.34 -14.08
CA ASP A 208 -6.05 12.14 -14.66
C ASP A 208 -6.75 10.92 -14.11
N ALA A 209 -6.13 9.75 -14.21
CA ALA A 209 -6.76 8.54 -13.72
C ALA A 209 -7.15 8.70 -12.26
N MET A 210 -6.26 9.29 -11.49
CA MET A 210 -6.56 9.46 -10.07
C MET A 210 -7.82 10.29 -9.87
N GLN A 211 -7.99 11.31 -10.68
CA GLN A 211 -9.17 12.17 -10.55
C GLN A 211 -10.46 11.36 -10.70
N SER A 212 -10.52 10.53 -11.72
CA SER A 212 -11.71 9.74 -11.90
C SER A 212 -11.86 8.74 -10.76
N LEU A 213 -10.73 8.20 -10.32
CA LEU A 213 -10.73 7.22 -9.23
C LEU A 213 -11.21 7.80 -7.89
N LEU A 214 -10.71 8.98 -7.55
CA LEU A 214 -11.05 9.65 -6.28
C LEU A 214 -12.56 9.84 -6.12
N LEU A 215 -13.26 10.11 -7.21
CA LEU A 215 -14.70 10.31 -7.14
C LEU A 215 -15.38 9.08 -6.57
N HIS A 216 -14.84 7.90 -6.88
CA HIS A 216 -15.42 6.64 -6.42
C HIS A 216 -14.70 6.06 -5.20
N THR A 217 -13.93 6.90 -4.52
CA THR A 217 -13.21 6.41 -3.35
C THR A 217 -13.89 6.80 -2.05
N ASN A 218 -13.98 5.84 -1.14
CA ASN A 218 -14.60 6.06 0.16
C ASN A 218 -13.56 6.40 1.20
N ILE A 219 -12.42 5.68 1.19
CA ILE A 219 -11.35 5.93 2.14
C ILE A 219 -10.00 6.10 1.43
N LEU A 220 -9.37 7.24 1.63
CA LEU A 220 -8.10 7.51 1.01
C LEU A 220 -7.01 7.54 2.03
N PHE A 221 -5.95 6.78 1.79
CA PHE A 221 -4.85 6.75 2.70
C PHE A 221 -3.59 7.27 2.02
N GLY A 222 -2.71 7.86 2.81
CA GLY A 222 -1.46 8.38 2.29
C GLY A 222 -0.66 9.00 3.42
N ASN A 223 0.57 9.40 3.12
CA ASN A 223 1.40 10.04 4.13
C ASN A 223 1.42 11.53 3.83
N GLU A 224 2.00 12.32 4.72
CA GLU A 224 2.04 13.77 4.52
C GLU A 224 2.66 14.14 3.18
N GLU A 225 3.78 13.52 2.83
CA GLU A 225 4.43 13.83 1.56
C GLU A 225 3.49 13.62 0.38
N GLU A 226 2.82 12.46 0.32
CA GLU A 226 1.91 12.20 -0.80
C GLU A 226 0.78 13.26 -0.87
N PHE A 227 0.13 13.57 0.25
CA PHE A 227 -0.98 14.58 0.25
C PHE A 227 -0.47 15.96 -0.21
N ALA A 228 0.74 16.33 0.21
CA ALA A 228 1.34 17.59 -0.18
C ALA A 228 1.34 17.68 -1.71
N HIS A 229 1.84 16.62 -2.37
CA HIS A 229 1.86 16.60 -3.83
C HIS A 229 0.44 16.60 -4.35
N LEU A 230 -0.44 15.89 -3.66
CA LEU A 230 -1.82 15.85 -4.11
C LEU A 230 -2.42 17.25 -4.01
N ALA A 231 -2.04 18.00 -2.99
CA ALA A 231 -2.57 19.36 -2.84
C ALA A 231 -2.13 20.21 -4.02
N LYS A 232 -0.83 20.19 -4.29
CA LYS A 232 -0.24 20.95 -5.40
C LYS A 232 -0.87 20.55 -6.73
N VAL A 233 -0.78 19.26 -7.09
CA VAL A 233 -1.33 18.74 -8.35
C VAL A 233 -2.77 19.20 -8.51
N HIS A 234 -3.49 19.27 -7.42
CA HIS A 234 -4.86 19.69 -7.48
C HIS A 234 -4.89 21.14 -7.05
N ASN A 235 -5.95 21.56 -6.40
CA ASN A 235 -6.06 22.92 -5.94
C ASN A 235 -5.57 23.01 -4.50
N LEU A 236 -6.54 23.10 -3.57
CA LEU A 236 -6.36 23.17 -2.12
C LEU A 236 -4.98 23.64 -1.61
N VAL A 237 -3.90 23.00 -2.08
CA VAL A 237 -2.54 23.34 -1.66
C VAL A 237 -2.42 23.35 -0.15
N ALA A 238 -1.97 24.48 0.40
CA ALA A 238 -1.81 24.65 1.84
C ALA A 238 -0.39 24.41 2.36
N LYS A 241 -0.76 19.60 7.06
CA LYS A 241 -1.60 18.87 8.02
C LYS A 241 -3.12 18.89 7.86
N VAL A 242 -3.80 19.44 8.86
CA VAL A 242 -5.26 19.52 8.87
C VAL A 242 -5.90 20.10 7.64
N ALA A 243 -5.37 21.21 7.14
CA ALA A 243 -5.96 21.83 5.95
C ALA A 243 -5.81 20.94 4.73
N LEU A 244 -4.61 20.43 4.53
CA LEU A 244 -4.33 19.55 3.42
C LEU A 244 -5.33 18.40 3.47
N SER A 245 -5.47 17.82 4.66
CA SER A 245 -6.38 16.71 4.91
C SER A 245 -7.82 17.10 4.59
N VAL A 246 -8.29 18.24 5.12
CA VAL A 246 -9.67 18.67 4.84
C VAL A 246 -9.80 19.00 3.37
N ALA A 247 -8.69 19.45 2.82
CA ALA A 247 -8.67 19.80 1.42
C ALA A 247 -9.00 18.56 0.58
N ASN A 248 -8.19 17.53 0.72
CA ASN A 248 -8.40 16.30 -0.04
C ASN A 248 -9.80 15.73 0.02
N LYS A 249 -10.50 15.95 1.11
CA LYS A 249 -11.83 15.39 1.19
C LYS A 249 -12.80 16.00 0.14
N GLU A 250 -12.46 17.12 -0.48
CA GLU A 250 -13.33 17.68 -1.52
C GLU A 250 -13.21 16.81 -2.75
N HIS A 251 -11.97 16.45 -3.09
CA HIS A 251 -11.71 15.61 -4.24
C HIS A 251 -12.56 14.35 -4.22
N ALA A 252 -12.84 13.82 -3.03
CA ALA A 252 -13.66 12.62 -2.95
C ALA A 252 -15.13 12.96 -2.93
N VAL A 253 -15.43 14.15 -2.42
CA VAL A 253 -16.78 14.68 -2.28
C VAL A 253 -17.58 15.01 -3.52
N GLU A 254 -17.34 16.17 -4.12
CA GLU A 254 -18.04 16.64 -5.32
C GLU A 254 -18.47 15.55 -6.31
N GLY A 270 -25.96 8.58 4.14
CA GLY A 270 -24.56 8.48 4.55
C GLY A 270 -23.73 7.52 3.68
N ALA A 271 -22.77 8.08 2.95
CA ALA A 271 -21.85 7.35 2.09
C ALA A 271 -20.43 7.65 2.61
N THR A 272 -19.71 6.64 3.03
CA THR A 272 -18.36 6.87 3.55
C THR A 272 -17.38 7.71 2.74
N LYS A 273 -16.91 8.79 3.37
CA LYS A 273 -15.95 9.70 2.76
C LYS A 273 -14.99 10.07 3.87
N LEU A 274 -13.81 9.46 3.85
CA LEU A 274 -12.84 9.72 4.87
C LEU A 274 -11.42 9.76 4.30
N VAL A 275 -10.58 10.61 4.86
CA VAL A 275 -9.19 10.73 4.42
C VAL A 275 -8.32 10.46 5.63
N VAL A 276 -7.31 9.60 5.50
CA VAL A 276 -6.44 9.26 6.62
C VAL A 276 -5.02 9.60 6.24
N MET A 277 -4.41 10.54 6.96
CA MET A 277 -3.05 10.93 6.65
C MET A 277 -2.08 10.49 7.73
N THR A 278 -1.07 9.69 7.36
CA THR A 278 -0.10 9.25 8.36
C THR A 278 1.11 10.12 8.22
N ARG A 279 1.91 10.22 9.28
CA ARG A 279 3.09 11.05 9.23
C ARG A 279 4.16 10.66 10.22
N GLY A 280 4.80 9.53 9.99
CA GLY A 280 5.86 9.09 10.88
C GLY A 280 5.43 9.06 12.31
N HIS A 281 6.28 9.61 13.19
CA HIS A 281 5.96 9.64 14.61
C HIS A 281 4.91 10.70 14.99
N ASN A 282 4.52 11.60 14.08
CA ASN A 282 3.51 12.63 14.39
C ASN A 282 2.11 12.05 14.38
N PRO A 283 1.18 12.68 15.14
CA PRO A 283 -0.19 12.20 15.21
C PRO A 283 -0.83 11.97 13.85
N VAL A 284 -1.65 10.93 13.79
CA VAL A 284 -2.32 10.63 12.55
C VAL A 284 -3.54 11.54 12.45
N ILE A 285 -3.80 12.05 11.26
CA ILE A 285 -4.92 12.92 11.05
C ILE A 285 -5.93 12.31 10.09
N ALA A 286 -7.17 12.20 10.57
CA ALA A 286 -8.27 11.66 9.78
C ALA A 286 -9.41 12.68 9.70
N ALA A 287 -9.89 12.89 8.49
CA ALA A 287 -10.99 13.83 8.28
C ALA A 287 -12.11 13.10 7.56
N GLU A 288 -13.32 13.18 8.12
CA GLU A 288 -14.46 12.52 7.53
C GLU A 288 -15.58 13.52 7.26
N GLN A 289 -16.36 13.22 6.25
CA GLN A 289 -17.50 14.07 5.90
C GLN A 289 -18.74 13.25 6.13
N THR A 290 -19.54 13.61 7.12
CA THR A 290 -20.75 12.87 7.42
C THR A 290 -21.85 13.19 6.43
N ALA A 291 -22.97 12.48 6.54
CA ALA A 291 -24.11 12.65 5.65
C ALA A 291 -24.64 14.08 5.52
N ASP A 292 -24.76 14.77 6.67
CA ASP A 292 -25.26 16.15 6.73
C ASP A 292 -24.25 17.18 6.23
N GLY A 293 -23.05 16.73 5.89
CA GLY A 293 -22.06 17.66 5.41
C GLY A 293 -21.16 18.10 6.56
N THR A 294 -21.41 17.57 7.74
CA THR A 294 -20.57 17.94 8.87
C THR A 294 -19.18 17.33 8.67
N VAL A 295 -18.14 18.09 9.00
CA VAL A 295 -16.78 17.59 8.85
C VAL A 295 -16.20 17.33 10.23
N VAL A 296 -15.79 16.07 10.45
CA VAL A 296 -15.21 15.66 11.73
C VAL A 296 -13.73 15.33 11.47
N VAL A 297 -12.84 15.88 12.29
CA VAL A 297 -11.43 15.63 12.14
C VAL A 297 -10.85 15.04 13.40
N HIS A 298 -10.09 13.95 13.28
CA HIS A 298 -9.50 13.37 14.47
C HIS A 298 -7.98 13.48 14.37
N GLU A 299 -7.33 13.82 15.48
CA GLU A 299 -5.88 13.93 15.58
C GLU A 299 -5.51 12.95 16.66
N VAL A 300 -5.03 11.76 16.27
CA VAL A 300 -4.65 10.70 17.22
C VAL A 300 -3.15 10.52 17.36
N GLY A 301 -2.68 10.62 18.60
CA GLY A 301 -1.26 10.48 18.85
C GLY A 301 -0.75 9.07 18.57
N VAL A 302 0.52 8.98 18.26
CA VAL A 302 1.15 7.71 17.99
C VAL A 302 2.09 7.45 19.16
N PRO A 303 1.92 6.33 19.80
CA PRO A 303 2.76 5.94 20.94
C PRO A 303 4.24 6.09 20.58
N VAL A 304 5.01 6.60 21.49
CA VAL A 304 6.43 6.80 21.26
C VAL A 304 7.25 5.51 21.20
N VAL A 305 8.16 5.47 20.25
CA VAL A 305 9.04 4.33 20.07
C VAL A 305 10.47 4.87 20.03
N ALA A 306 11.29 4.49 21.01
CA ALA A 306 12.67 4.98 21.04
C ALA A 306 13.35 4.69 19.73
N ALA A 307 14.15 5.63 19.26
CA ALA A 307 14.84 5.43 17.99
C ALA A 307 15.74 4.18 17.98
N GLU A 308 16.45 3.96 19.07
CA GLU A 308 17.35 2.82 19.12
C GLU A 308 16.63 1.50 19.01
N LYS A 309 15.31 1.52 19.12
CA LYS A 309 14.55 0.28 19.02
C LYS A 309 14.04 0.07 17.60
N ILE A 310 14.20 1.06 16.75
CA ILE A 310 13.72 0.91 15.40
C ILE A 310 14.73 0.19 14.53
N VAL A 311 14.28 -0.84 13.81
CA VAL A 311 15.15 -1.64 12.90
C VAL A 311 15.16 -0.91 11.56
N ASP A 312 14.01 -0.86 10.92
CA ASP A 312 13.81 -0.16 9.65
C ASP A 312 12.33 0.20 9.53
N THR A 313 11.97 1.28 8.84
CA THR A 313 10.55 1.64 8.73
C THR A 313 9.93 1.12 7.43
N ASN A 314 10.60 0.20 6.74
CA ASN A 314 10.00 -0.30 5.53
C ASN A 314 8.72 -1.02 5.88
N GLY A 315 7.63 -0.71 5.18
CA GLY A 315 6.33 -1.34 5.40
C GLY A 315 5.50 -0.74 6.52
N ALA A 316 6.00 0.31 7.19
CA ALA A 316 5.21 0.91 8.28
C ALA A 316 3.82 1.32 7.80
N GLY A 317 3.73 2.03 6.68
CA GLY A 317 2.41 2.44 6.18
C GLY A 317 1.55 1.27 5.74
N ASP A 318 2.16 0.24 5.16
CA ASP A 318 1.39 -0.90 4.72
C ASP A 318 0.81 -1.61 5.92
N ALA A 319 1.58 -1.71 7.00
CA ALA A 319 1.09 -2.37 8.24
C ALA A 319 -0.03 -1.53 8.86
N PHE A 320 0.11 -0.22 8.83
CA PHE A 320 -0.93 0.65 9.36
C PHE A 320 -2.23 0.43 8.58
N VAL A 321 -2.16 0.44 7.26
CA VAL A 321 -3.37 0.23 6.46
C VAL A 321 -3.97 -1.15 6.70
N GLY A 322 -3.13 -2.15 6.89
CA GLY A 322 -3.65 -3.49 7.15
C GLY A 322 -4.40 -3.56 8.49
N GLY A 323 -3.86 -2.95 9.53
CA GLY A 323 -4.52 -2.99 10.84
C GLY A 323 -5.81 -2.20 10.76
N PHE A 324 -5.75 -1.07 10.06
CA PHE A 324 -6.93 -0.20 9.89
C PHE A 324 -8.05 -0.95 9.18
N LEU A 325 -7.76 -1.61 8.05
CA LEU A 325 -8.77 -2.36 7.30
C LEU A 325 -9.31 -3.54 8.10
N TYR A 326 -8.46 -4.21 8.88
CA TYR A 326 -8.95 -5.33 9.67
C TYR A 326 -9.95 -4.80 10.72
N GLY A 327 -9.61 -3.72 11.37
CA GLY A 327 -10.53 -3.18 12.37
C GLY A 327 -11.80 -2.67 11.75
N LEU A 328 -11.69 -2.07 10.57
CA LEU A 328 -12.85 -1.51 9.92
C LEU A 328 -13.76 -2.73 9.62
N SER A 329 -13.15 -3.85 9.26
CA SER A 329 -13.86 -5.09 8.95
C SER A 329 -14.70 -5.56 10.15
N GLN A 330 -14.20 -5.27 11.34
CA GLN A 330 -14.86 -5.67 12.58
C GLN A 330 -15.84 -4.63 13.10
N GLY A 331 -16.05 -3.58 12.33
CA GLY A 331 -16.97 -2.52 12.70
C GLY A 331 -16.46 -1.56 13.79
N LYS A 332 -15.16 -1.48 14.00
CA LYS A 332 -14.69 -0.57 15.03
C LYS A 332 -14.80 0.87 14.56
N THR A 333 -14.66 1.84 15.44
CA THR A 333 -14.77 3.24 15.02
C THR A 333 -13.47 3.76 14.39
N VAL A 334 -13.54 4.91 13.71
CA VAL A 334 -12.38 5.51 13.07
C VAL A 334 -11.17 5.61 14.03
N LYS A 335 -11.38 6.15 15.23
CA LYS A 335 -10.27 6.26 16.17
C LYS A 335 -9.73 4.87 16.50
N GLN A 336 -10.62 3.91 16.62
CA GLN A 336 -10.19 2.55 16.94
C GLN A 336 -9.40 1.99 15.76
N CYS A 337 -9.86 2.32 14.57
CA CYS A 337 -9.15 1.87 13.39
C CYS A 337 -7.74 2.33 13.40
N ILE A 338 -7.62 3.61 13.64
CA ILE A 338 -6.31 4.22 13.68
C ILE A 338 -5.39 3.60 14.74
N MET A 339 -5.93 3.31 15.93
CA MET A 339 -5.12 2.72 17.00
C MET A 339 -4.61 1.33 16.60
N CYS A 340 -5.44 0.58 15.89
CA CYS A 340 -5.05 -0.75 15.46
C CYS A 340 -3.95 -0.61 14.38
N GLY A 341 -4.13 0.34 13.48
CA GLY A 341 -3.13 0.53 12.44
C GLY A 341 -1.80 0.89 13.11
N ASN A 342 -1.84 1.84 14.06
CA ASN A 342 -0.63 2.26 14.75
C ASN A 342 0.06 1.08 15.44
N ALA A 343 -0.72 0.24 16.09
CA ALA A 343 -0.11 -0.90 16.77
C ALA A 343 0.58 -1.83 15.77
N CYS A 344 -0.09 -2.13 14.65
CA CYS A 344 0.53 -3.01 13.66
C CYS A 344 1.81 -2.39 13.11
N ALA A 345 1.79 -1.08 12.84
CA ALA A 345 2.97 -0.39 12.30
C ALA A 345 4.12 -0.36 13.28
N GLN A 346 3.80 -0.21 14.56
CA GLN A 346 4.85 -0.16 15.57
C GLN A 346 5.56 -1.52 15.68
N ASP A 347 4.84 -2.58 15.41
CA ASP A 347 5.47 -3.87 15.48
C ASP A 347 6.41 -4.02 14.29
N VAL A 348 5.90 -3.70 13.11
CA VAL A 348 6.68 -3.81 11.86
C VAL A 348 7.97 -2.98 11.85
N ILE A 349 7.95 -1.81 12.48
CA ILE A 349 9.16 -0.98 12.49
C ILE A 349 10.23 -1.53 13.41
N GLN A 350 9.88 -2.55 14.18
CA GLN A 350 10.86 -3.14 15.08
C GLN A 350 11.42 -4.43 14.48
N HIS A 351 11.20 -4.60 13.18
CA HIS A 351 11.68 -5.78 12.47
C HIS A 351 12.31 -5.42 11.14
N VAL A 352 12.97 -6.39 10.51
CA VAL A 352 13.61 -6.18 9.22
C VAL A 352 12.60 -6.30 8.10
N GLY A 353 12.49 -5.26 7.28
CA GLY A 353 11.54 -5.31 6.18
C GLY A 353 10.12 -5.51 6.70
N PHE A 354 9.23 -6.05 5.86
CA PHE A 354 7.84 -6.26 6.27
C PHE A 354 7.67 -7.59 7.01
N SER A 355 7.67 -7.53 8.33
CA SER A 355 7.50 -8.74 9.13
C SER A 355 6.06 -9.01 9.55
N LEU A 356 5.83 -10.19 10.08
CA LEU A 356 4.51 -10.58 10.54
C LEU A 356 4.62 -11.08 11.99
N SER A 357 3.86 -10.54 12.92
CA SER A 357 4.00 -11.03 14.30
C SER A 357 2.80 -10.65 15.17
N PHE A 358 2.96 -9.55 15.89
CA PHE A 358 1.89 -9.06 16.75
C PHE A 358 2.00 -9.43 18.23
MG MG B . 8.66 6.50 6.74
CL CL C . 0.91 -2.85 -4.55
O5' ADN D . 5.92 -0.02 1.65
C5' ADN D . 7.15 -0.72 1.48
C4' ADN D . 6.89 -1.77 0.42
O4' ADN D . 6.61 -1.11 -0.82
C3' ADN D . 8.03 -2.75 0.12
O3' ADN D . 7.71 -4.02 0.69
C2' ADN D . 8.12 -2.82 -1.40
O2' ADN D . 8.04 -4.14 -1.91
C1' ADN D . 6.86 -2.08 -1.82
N9 ADN D . 6.95 -1.43 -3.10
C8 ADN D . 7.96 -0.61 -3.56
N7 ADN D . 7.75 -0.18 -4.79
C5 ADN D . 6.52 -0.73 -5.14
C6 ADN D . 5.74 -0.63 -6.30
N6 ADN D . 6.10 0.08 -7.39
N1 ADN D . 4.59 -1.30 -6.32
C2 ADN D . 4.25 -2.01 -5.24
N3 ADN D . 4.86 -2.17 -4.10
C4 ADN D . 6.02 -1.51 -4.11
PG ACP E . 6.69 1.99 3.80
O1G ACP E . 5.35 1.27 3.59
O2G ACP E . 6.55 2.85 2.52
O3G ACP E . 8.09 1.56 3.89
PB ACP E . 6.06 4.75 5.61
O1B ACP E . 7.52 4.64 6.02
O2B ACP E . 5.62 5.90 4.79
C3B ACP E . 6.29 3.00 5.26
PA ACP E . 4.44 6.43 7.58
O1A ACP E . 5.16 7.69 7.78
O2A ACP E . 3.27 6.45 6.65
O3A ACP E . 5.26 5.06 7.05
O5' ACP E . 4.11 5.97 8.99
C5' ACP E . 2.99 5.13 9.16
C4' ACP E . 2.75 4.69 10.60
O4' ACP E . 3.97 4.07 11.13
C3' ACP E . 2.50 5.85 11.54
O3' ACP E . 1.10 6.18 11.53
C2' ACP E . 2.96 5.27 12.85
O2' ACP E . 1.94 4.46 13.34
C1' ACP E . 4.15 4.39 12.48
N9 ACP E . 5.42 5.05 12.53
C8 ACP E . 6.23 5.48 11.52
N7 ACP E . 7.34 6.04 11.96
C5 ACP E . 7.22 5.95 13.36
C6 ACP E . 8.07 6.34 14.41
N6 ACP E . 9.22 6.96 14.21
N1 ACP E . 7.67 6.08 15.68
C2 ACP E . 6.51 5.47 15.89
N3 ACP E . 5.65 5.08 14.97
C4 ACP E . 6.06 5.34 13.72
#